data_8X6W
#
_entry.id   8X6W
#
_cell.length_a   83.331
_cell.length_b   83.331
_cell.length_c   81.702
_cell.angle_alpha   90.000
_cell.angle_beta   90.000
_cell.angle_gamma   120.000
#
_symmetry.space_group_name_H-M   'P 32 2 1'
#
loop_
_entity.id
_entity.type
_entity.pdbx_description
1 polymer EfCDA
2 non-polymer 'ZINC ION'
3 water water
#
_entity_poly.entity_id   1
_entity_poly.type   'polypeptide(L)'
_entity_poly.pdbx_seq_one_letter_code
;GSMAELKQEWINTAIEALDKAYVPYSHFPVGACLVTESGKIYQGINIENASFGLTNCAERTAFFKAVSEGERSFTHLVVA
GHTPDPISPCGACRQVMAEFCAPDMPVTLVGDNGVTKATTVRELLPYAFTEKDL
;
_entity_poly.pdbx_strand_id   A,B
#
loop_
_chem_comp.id
_chem_comp.type
_chem_comp.name
_chem_comp.formula
ZN non-polymer 'ZINC ION' 'Zn 2'
#
# COMPACT_ATOMS: atom_id res chain seq x y z
N SER A 2 -17.69 22.19 -10.54
CA SER A 2 -18.20 21.28 -11.56
C SER A 2 -17.39 20.00 -11.55
N MET A 3 -17.97 18.93 -12.12
CA MET A 3 -17.27 17.65 -12.12
C MET A 3 -15.99 17.74 -12.92
N ALA A 4 -16.01 18.50 -14.02
CA ALA A 4 -14.79 18.69 -14.81
C ALA A 4 -13.74 19.50 -14.04
N GLU A 5 -14.17 20.48 -13.23
CA GLU A 5 -13.19 21.24 -12.46
C GLU A 5 -12.59 20.41 -11.34
N LEU A 6 -13.41 19.60 -10.65
CA LEU A 6 -12.85 18.71 -9.63
C LEU A 6 -11.87 17.73 -10.25
N LYS A 7 -12.19 17.23 -11.44
CA LYS A 7 -11.34 16.24 -12.09
C LYS A 7 -9.98 16.85 -12.43
N GLN A 8 -9.95 18.14 -12.78
CA GLN A 8 -8.66 18.80 -13.00
C GLN A 8 -7.82 18.83 -11.73
N GLU A 9 -8.45 19.03 -10.57
CA GLU A 9 -7.68 19.03 -9.33
C GLU A 9 -7.20 17.62 -8.97
N TRP A 10 -8.03 16.60 -9.23
CA TRP A 10 -7.56 15.22 -9.04
C TRP A 10 -6.41 14.90 -9.98
N ILE A 11 -6.52 15.35 -11.24
CA ILE A 11 -5.40 15.17 -12.18
C ILE A 11 -4.14 15.83 -11.63
N ASN A 12 -4.27 17.03 -11.07
CA ASN A 12 -3.09 17.71 -10.53
C ASN A 12 -2.48 16.92 -9.38
N THR A 13 -3.31 16.32 -8.53
CA THR A 13 -2.79 15.49 -7.44
C THR A 13 -2.05 14.28 -7.98
N ALA A 14 -2.59 13.64 -9.00
CA ALA A 14 -1.90 12.47 -9.55
C ALA A 14 -0.60 12.88 -10.22
N ILE A 15 -0.56 14.06 -10.84
CA ILE A 15 0.67 14.49 -11.51
C ILE A 15 1.72 14.88 -10.47
N GLU A 16 1.31 15.54 -9.37
CA GLU A 16 2.27 15.85 -8.33
C GLU A 16 2.88 14.59 -7.72
N ALA A 17 2.11 13.50 -7.68
CA ALA A 17 2.65 12.25 -7.16
C ALA A 17 3.84 11.74 -7.98
N LEU A 18 3.95 12.14 -9.25
CA LEU A 18 5.07 11.65 -10.05
C LEU A 18 6.40 12.06 -9.44
N ASP A 19 6.43 13.21 -8.77
CA ASP A 19 7.64 13.69 -8.12
C ASP A 19 7.92 12.97 -6.81
N LYS A 20 6.97 12.20 -6.31
CA LYS A 20 7.08 11.58 -5.00
C LYS A 20 7.38 10.08 -5.11
N ALA A 21 7.42 9.54 -6.32
CA ALA A 21 7.51 8.10 -6.51
C ALA A 21 8.86 7.55 -6.05
N TYR A 22 8.87 6.28 -5.62
CA TYR A 22 10.12 5.60 -5.23
C TYR A 22 10.43 4.60 -6.33
N VAL A 23 11.18 5.06 -7.33
CA VAL A 23 11.45 4.23 -8.50
C VAL A 23 12.94 4.24 -8.82
N PRO A 24 13.81 3.91 -7.87
CA PRO A 24 15.26 3.94 -8.15
C PRO A 24 15.73 2.86 -9.12
N TYR A 25 14.87 1.94 -9.54
CA TYR A 25 15.29 0.91 -10.49
C TYR A 25 14.76 1.14 -11.90
N SER A 26 13.47 1.44 -12.06
CA SER A 26 12.95 1.70 -13.39
C SER A 26 13.07 3.15 -13.80
N HIS A 27 13.09 4.07 -12.83
CA HIS A 27 13.05 5.51 -13.11
C HIS A 27 11.81 5.87 -13.93
N PHE A 28 10.73 5.12 -13.70
CA PHE A 28 9.47 5.29 -14.40
C PHE A 28 8.39 5.57 -13.37
N PRO A 29 8.14 6.82 -13.02
CA PRO A 29 7.18 7.13 -11.96
C PRO A 29 5.75 7.05 -12.45
N VAL A 30 4.87 6.67 -11.54
CA VAL A 30 3.44 6.66 -11.78
C VAL A 30 2.76 7.28 -10.56
N GLY A 31 1.74 8.10 -10.80
CA GLY A 31 1.01 8.76 -9.74
C GLY A 31 -0.47 8.44 -9.80
N ALA A 32 -1.12 8.50 -8.65
CA ALA A 32 -2.54 8.17 -8.59
C ALA A 32 -3.25 9.11 -7.63
N CYS A 33 -4.53 9.35 -7.91
CA CYS A 33 -5.42 10.10 -7.02
C CYS A 33 -6.73 9.34 -6.94
N LEU A 34 -6.99 8.71 -5.79
CA LEU A 34 -8.20 7.94 -5.55
C LEU A 34 -9.17 8.78 -4.74
N VAL A 35 -10.40 8.89 -5.21
CA VAL A 35 -11.36 9.83 -4.63
C VAL A 35 -12.48 9.04 -3.95
N THR A 36 -12.82 9.44 -2.72
CA THR A 36 -13.93 8.80 -2.01
C THR A 36 -15.23 9.59 -2.17
N GLU A 37 -16.32 8.89 -1.83
CA GLU A 37 -17.67 9.42 -1.78
C GLU A 37 -17.79 10.63 -0.87
N SER A 38 -16.94 10.72 0.16
CA SER A 38 -16.97 11.82 1.10
C SER A 38 -16.13 13.00 0.64
N GLY A 39 -15.51 12.89 -0.53
CA GLY A 39 -14.68 13.97 -1.03
C GLY A 39 -13.22 13.87 -0.63
N LYS A 40 -12.85 12.89 0.17
CA LYS A 40 -11.46 12.77 0.59
C LYS A 40 -10.65 12.13 -0.53
N ILE A 41 -9.42 12.59 -0.73
CA ILE A 41 -8.57 11.99 -1.75
C ILE A 41 -7.39 11.29 -1.09
N TYR A 42 -6.93 10.24 -1.76
CA TYR A 42 -5.75 9.49 -1.34
C TYR A 42 -4.80 9.46 -2.51
N GLN A 43 -3.58 9.93 -2.28
CA GLN A 43 -2.55 9.97 -3.31
C GLN A 43 -1.72 8.69 -3.28
N GLY A 44 -1.46 8.12 -4.45
CA GLY A 44 -0.61 6.94 -4.55
C GLY A 44 0.63 7.20 -5.37
N ILE A 45 1.69 6.44 -5.08
CA ILE A 45 2.94 6.40 -5.85
C ILE A 45 3.34 4.95 -6.05
N ASN A 46 4.09 4.69 -7.13
CA ASN A 46 4.69 3.36 -7.21
C ASN A 46 5.94 3.31 -6.34
N ILE A 47 6.18 2.14 -5.76
CA ILE A 47 7.20 1.94 -4.73
C ILE A 47 7.94 0.66 -5.09
N GLU A 48 9.15 0.79 -5.61
CA GLU A 48 9.86 -0.39 -6.12
C GLU A 48 10.67 -1.07 -5.02
N ASN A 49 11.15 -2.27 -5.34
CA ASN A 49 11.97 -3.07 -4.44
C ASN A 49 13.12 -3.65 -5.24
N ALA A 50 14.28 -3.81 -4.59
CA ALA A 50 15.43 -4.41 -5.27
C ALA A 50 15.07 -5.75 -5.90
N SER A 51 14.18 -6.51 -5.26
CA SER A 51 13.54 -7.66 -5.90
C SER A 51 12.29 -7.14 -6.60
N PHE A 52 12.33 -7.09 -7.94
CA PHE A 52 11.31 -6.35 -8.69
C PHE A 52 9.90 -6.82 -8.35
N GLY A 53 9.74 -8.12 -8.10
CA GLY A 53 8.43 -8.67 -7.85
C GLY A 53 7.71 -8.11 -6.65
N LEU A 54 8.42 -7.45 -5.73
CA LEU A 54 7.80 -6.83 -4.57
C LEU A 54 7.45 -5.38 -4.79
N THR A 55 7.64 -4.87 -6.00
CA THR A 55 7.19 -3.52 -6.35
C THR A 55 5.68 -3.37 -6.19
N ASN A 56 5.25 -2.20 -5.69
CA ASN A 56 3.83 -1.87 -5.60
C ASN A 56 3.49 -0.67 -6.44
N CYS A 57 2.42 -0.77 -7.21
CA CYS A 57 1.99 0.28 -8.12
C CYS A 57 1.33 1.44 -7.39
N ALA A 58 1.26 2.58 -8.08
CA ALA A 58 0.66 3.78 -7.51
C ALA A 58 -0.82 3.59 -7.20
N GLU A 59 -1.55 2.94 -8.11
CA GLU A 59 -2.97 2.72 -7.90
C GLU A 59 -3.20 1.89 -6.65
N ARG A 60 -2.44 0.80 -6.50
CA ARG A 60 -2.60 -0.03 -5.31
C ARG A 60 -2.15 0.69 -4.05
N THR A 61 -1.07 1.49 -4.13
CA THR A 61 -0.70 2.26 -2.95
C THR A 61 -1.86 3.13 -2.48
N ALA A 62 -2.57 3.76 -3.43
CA ALA A 62 -3.71 4.61 -3.09
C ALA A 62 -4.84 3.82 -2.45
N PHE A 63 -5.17 2.66 -3.02
CA PHE A 63 -6.20 1.82 -2.45
C PHE A 63 -5.81 1.33 -1.06
N PHE A 64 -4.54 0.93 -0.88
CA PHE A 64 -4.15 0.41 0.43
C PHE A 64 -4.19 1.50 1.48
N LYS A 65 -3.78 2.73 1.12
CA LYS A 65 -3.91 3.86 2.02
C LYS A 65 -5.38 4.07 2.40
N ALA A 66 -6.26 4.13 1.40
CA ALA A 66 -7.67 4.43 1.65
C ALA A 66 -8.33 3.31 2.44
N VAL A 67 -8.14 2.07 2.01
CA VAL A 67 -8.80 0.96 2.70
C VAL A 67 -8.31 0.85 4.14
N SER A 68 -7.04 1.18 4.40
CA SER A 68 -6.54 1.11 5.79
C SER A 68 -7.20 2.14 6.69
N GLU A 69 -7.73 3.22 6.12
CA GLU A 69 -8.46 4.23 6.88
C GLU A 69 -9.96 3.94 6.93
N GLY A 70 -10.38 2.77 6.46
CA GLY A 70 -11.78 2.41 6.51
C GLY A 70 -12.61 2.77 5.29
N GLU A 71 -12.00 3.31 4.24
CA GLU A 71 -12.76 3.71 3.06
C GLU A 71 -13.21 2.48 2.30
N ARG A 72 -14.48 2.47 1.89
CA ARG A 72 -15.02 1.41 1.06
C ARG A 72 -15.86 1.95 -0.10
N SER A 73 -16.04 3.27 -0.20
CA SER A 73 -16.89 3.88 -1.21
C SER A 73 -16.05 4.85 -2.04
N PHE A 74 -15.77 4.46 -3.28
CA PHE A 74 -14.90 5.22 -4.16
C PHE A 74 -15.68 5.74 -5.35
N THR A 75 -15.36 6.96 -5.77
CA THR A 75 -16.11 7.60 -6.84
C THR A 75 -15.29 7.93 -8.08
N HIS A 76 -13.95 7.97 -7.99
CA HIS A 76 -13.16 8.28 -9.17
C HIS A 76 -11.74 7.79 -8.90
N LEU A 77 -11.01 7.44 -9.97
CA LEU A 77 -9.58 7.19 -9.84
C LEU A 77 -8.86 7.86 -10.99
N VAL A 78 -7.81 8.61 -10.69
CA VAL A 78 -6.93 9.21 -11.69
C VAL A 78 -5.57 8.53 -11.60
N VAL A 79 -5.00 8.19 -12.76
CA VAL A 79 -3.64 7.62 -12.84
C VAL A 79 -2.86 8.45 -13.84
N ALA A 80 -1.62 8.81 -13.50
CA ALA A 80 -0.80 9.67 -14.35
C ALA A 80 0.59 9.09 -14.55
N GLY A 81 1.12 9.25 -15.75
CA GLY A 81 2.51 8.92 -16.03
C GLY A 81 3.14 9.98 -16.90
N HIS A 82 4.48 9.94 -16.97
CA HIS A 82 5.26 10.72 -17.95
C HIS A 82 5.33 9.93 -19.25
N THR A 83 4.18 9.87 -19.93
CA THR A 83 3.99 9.03 -21.10
C THR A 83 3.35 9.84 -22.21
N PRO A 84 3.70 9.57 -23.47
CA PRO A 84 3.14 10.39 -24.56
C PRO A 84 1.64 10.18 -24.79
N ASP A 85 1.13 8.99 -24.49
CA ASP A 85 -0.28 8.71 -24.41
C ASP A 85 -0.67 8.50 -22.94
N PRO A 86 -1.96 8.62 -22.61
CA PRO A 86 -2.38 8.41 -21.21
C PRO A 86 -1.88 7.08 -20.67
N ILE A 87 -1.42 7.10 -19.41
CA ILE A 87 -0.79 5.90 -18.86
C ILE A 87 -1.84 4.80 -18.70
N SER A 88 -1.42 3.55 -18.93
CA SER A 88 -2.28 2.37 -18.73
C SER A 88 -2.06 1.73 -17.37
N PRO A 89 -3.10 1.54 -16.55
CA PRO A 89 -2.95 0.71 -15.35
C PRO A 89 -2.65 -0.73 -15.72
N CYS A 90 -1.74 -1.37 -14.97
CA CYS A 90 -1.46 -2.77 -15.20
C CYS A 90 -2.60 -3.65 -14.70
N GLY A 91 -2.59 -4.91 -15.15
CA GLY A 91 -3.68 -5.80 -14.82
C GLY A 91 -3.84 -6.05 -13.33
N ALA A 92 -2.73 -6.08 -12.59
CA ALA A 92 -2.82 -6.28 -11.14
C ALA A 92 -3.60 -5.16 -10.48
N CYS A 93 -3.33 -3.92 -10.88
CA CYS A 93 -4.05 -2.78 -10.33
C CYS A 93 -5.52 -2.85 -10.72
N ARG A 94 -5.80 -3.24 -11.95
CA ARG A 94 -7.19 -3.35 -12.39
C ARG A 94 -7.96 -4.34 -11.53
N GLN A 95 -7.29 -5.40 -11.05
CA GLN A 95 -7.96 -6.38 -10.21
C GLN A 95 -8.24 -5.84 -8.82
N VAL A 96 -7.34 -4.99 -8.29
CA VAL A 96 -7.62 -4.36 -7.01
C VAL A 96 -8.73 -3.34 -7.17
N MET A 97 -8.78 -2.62 -8.30
CA MET A 97 -9.90 -1.72 -8.54
C MET A 97 -11.21 -2.49 -8.55
N ALA A 98 -11.22 -3.68 -9.17
CA ALA A 98 -12.46 -4.43 -9.20
C ALA A 98 -12.88 -4.91 -7.81
N GLU A 99 -11.92 -5.15 -6.92
CA GLU A 99 -12.26 -5.57 -5.56
C GLU A 99 -13.06 -4.51 -4.83
N PHE A 100 -12.72 -3.24 -5.04
CA PHE A 100 -13.25 -2.18 -4.18
C PHE A 100 -14.21 -1.23 -4.88
N CYS A 101 -14.32 -1.26 -6.22
CA CYS A 101 -15.04 -0.23 -6.94
C CYS A 101 -16.20 -0.82 -7.74
N ALA A 102 -17.22 0.00 -7.94
CA ALA A 102 -18.29 -0.40 -8.81
C ALA A 102 -17.79 -0.51 -10.25
N PRO A 103 -18.36 -1.44 -11.03
CA PRO A 103 -17.93 -1.59 -12.43
C PRO A 103 -17.97 -0.29 -13.21
N ASP A 104 -18.97 0.56 -12.99
CA ASP A 104 -19.10 1.80 -13.73
C ASP A 104 -18.30 2.96 -13.14
N MET A 105 -17.49 2.73 -12.10
CA MET A 105 -16.69 3.83 -11.55
C MET A 105 -15.82 4.43 -12.65
N PRO A 106 -15.85 5.74 -12.86
CA PRO A 106 -14.95 6.35 -13.85
C PRO A 106 -13.49 6.34 -13.41
N VAL A 107 -12.62 6.15 -14.40
CA VAL A 107 -11.17 6.20 -14.23
C VAL A 107 -10.63 7.15 -15.27
N THR A 108 -9.81 8.12 -14.86
CA THR A 108 -9.19 9.05 -15.78
C THR A 108 -7.71 8.73 -15.88
N LEU A 109 -7.23 8.52 -17.10
CA LEU A 109 -5.83 8.23 -17.35
C LEU A 109 -5.17 9.47 -17.95
N VAL A 110 -3.96 9.78 -17.47
CA VAL A 110 -3.28 11.02 -17.83
C VAL A 110 -1.89 10.69 -18.37
N GLY A 111 -1.46 11.44 -19.38
CA GLY A 111 -0.08 11.39 -19.83
C GLY A 111 0.55 12.77 -19.84
N ASP A 112 1.66 12.91 -20.56
CA ASP A 112 2.33 14.21 -20.61
C ASP A 112 1.55 15.18 -21.51
N ASN A 113 1.79 16.47 -21.29
CA ASN A 113 1.21 17.53 -22.13
C ASN A 113 -0.32 17.52 -22.12
N GLY A 114 -0.90 17.09 -21.01
CA GLY A 114 -2.33 17.20 -20.81
C GLY A 114 -3.18 16.13 -21.44
N VAL A 115 -2.59 15.09 -22.05
CA VAL A 115 -3.42 14.09 -22.73
C VAL A 115 -4.15 13.25 -21.68
N THR A 116 -5.43 13.00 -21.93
CA THR A 116 -6.25 12.21 -21.02
C THR A 116 -7.10 11.21 -21.79
N LYS A 117 -7.52 10.17 -21.06
CA LYS A 117 -8.41 9.15 -21.58
C LYS A 117 -9.42 8.82 -20.49
N ALA A 118 -10.70 8.82 -20.84
CA ALA A 118 -11.77 8.52 -19.91
C ALA A 118 -12.18 7.06 -20.07
N THR A 119 -12.23 6.33 -18.97
CA THR A 119 -12.63 4.93 -19.03
C THR A 119 -13.36 4.61 -17.73
N THR A 120 -13.59 3.32 -17.46
CA THR A 120 -14.23 2.85 -16.24
C THR A 120 -13.57 1.54 -15.80
N VAL A 121 -13.90 1.12 -14.57
CA VAL A 121 -13.34 -0.12 -14.04
C VAL A 121 -13.72 -1.31 -14.93
N ARG A 122 -15.00 -1.39 -15.32
CA ARG A 122 -15.47 -2.46 -16.20
C ARG A 122 -14.78 -2.43 -17.56
N GLU A 123 -14.53 -1.23 -18.11
CA GLU A 123 -13.90 -1.19 -19.43
C GLU A 123 -12.45 -1.65 -19.37
N LEU A 124 -11.76 -1.39 -18.25
CA LEU A 124 -10.37 -1.81 -18.08
C LEU A 124 -10.25 -3.30 -17.76
N LEU A 125 -11.25 -3.89 -17.12
CA LEU A 125 -11.19 -5.30 -16.71
C LEU A 125 -12.52 -5.98 -17.02
N PRO A 126 -12.78 -6.26 -18.29
CA PRO A 126 -14.05 -6.90 -18.67
C PRO A 126 -14.16 -8.30 -18.07
N TYR A 127 -15.40 -8.73 -17.81
CA TYR A 127 -15.63 -10.08 -17.29
C TYR A 127 -14.77 -10.34 -16.06
N ALA A 128 -14.80 -9.39 -15.12
CA ALA A 128 -13.86 -9.40 -14.00
C ALA A 128 -14.10 -10.57 -13.05
N PHE A 129 -13.01 -11.17 -12.58
CA PHE A 129 -13.09 -12.19 -11.55
C PHE A 129 -13.47 -11.55 -10.22
N THR A 130 -14.42 -12.17 -9.52
CA THR A 130 -14.94 -11.70 -8.25
C THR A 130 -14.93 -12.85 -7.25
N GLU A 131 -15.34 -12.53 -6.03
CA GLU A 131 -15.41 -13.49 -4.94
C GLU A 131 -16.58 -14.48 -5.06
N LYS A 132 -17.45 -14.37 -6.09
CA LYS A 132 -18.76 -15.02 -6.04
C LYS A 132 -18.66 -16.53 -5.82
N ASP A 133 -17.63 -17.18 -6.35
CA ASP A 133 -17.56 -18.64 -6.38
C ASP A 133 -16.64 -19.22 -5.32
N LEU A 134 -16.05 -18.39 -4.47
CA LEU A 134 -15.15 -18.88 -3.44
C LEU A 134 -15.92 -19.50 -2.28
N ALA B 4 15.75 -2.07 23.83
CA ALA B 4 15.14 -1.20 22.83
C ALA B 4 13.88 -0.54 23.37
N GLU B 5 13.70 0.73 23.01
CA GLU B 5 12.53 1.48 23.41
C GLU B 5 11.27 0.84 22.82
N LEU B 6 10.19 0.80 23.61
CA LEU B 6 8.91 0.27 23.14
C LEU B 6 7.80 1.05 23.83
N LYS B 7 7.01 1.78 23.06
CA LYS B 7 5.95 2.60 23.63
C LYS B 7 4.61 1.90 23.50
N GLN B 8 3.76 2.10 24.51
CA GLN B 8 2.46 1.44 24.51
C GLN B 8 1.60 1.91 23.35
N GLU B 9 1.74 3.17 22.90
CA GLU B 9 0.91 3.59 21.78
C GLU B 9 1.24 2.79 20.53
N TRP B 10 2.50 2.34 20.39
CA TRP B 10 2.85 1.53 19.22
C TRP B 10 2.20 0.16 19.29
N ILE B 11 2.25 -0.49 20.44
CA ILE B 11 1.53 -1.75 20.64
C ILE B 11 0.05 -1.55 20.37
N ASN B 12 -0.54 -0.49 20.94
CA ASN B 12 -1.97 -0.24 20.74
C ASN B 12 -2.29 -0.06 19.27
N THR B 13 -1.46 0.70 18.55
CA THR B 13 -1.73 0.95 17.14
C THR B 13 -1.77 -0.34 16.33
N ALA B 14 -0.85 -1.27 16.61
CA ALA B 14 -0.84 -2.53 15.87
C ALA B 14 -2.01 -3.41 16.28
N ILE B 15 -2.36 -3.44 17.56
CA ILE B 15 -3.46 -4.29 18.00
C ILE B 15 -4.80 -3.71 17.53
N GLU B 16 -4.97 -2.39 17.61
CA GLU B 16 -6.21 -1.77 17.17
C GLU B 16 -6.47 -2.02 15.69
N ALA B 17 -5.41 -2.15 14.90
CA ALA B 17 -5.58 -2.42 13.48
C ALA B 17 -6.21 -3.78 13.22
N LEU B 18 -6.15 -4.72 14.17
CA LEU B 18 -6.72 -6.04 13.92
C LEU B 18 -8.20 -5.94 13.60
N ASP B 19 -8.90 -5.02 14.25
CA ASP B 19 -10.32 -4.83 13.97
C ASP B 19 -10.60 -4.10 12.67
N LYS B 20 -9.58 -3.54 12.02
CA LYS B 20 -9.77 -2.75 10.80
C LYS B 20 -9.30 -3.48 9.55
N ALA B 21 -8.78 -4.69 9.68
CA ALA B 21 -8.19 -5.36 8.52
C ALA B 21 -9.27 -5.75 7.52
N TYR B 22 -8.88 -5.88 6.25
CA TYR B 22 -9.78 -6.29 5.18
C TYR B 22 -9.42 -7.73 4.84
N VAL B 23 -10.07 -8.68 5.52
CA VAL B 23 -9.69 -10.08 5.40
C VAL B 23 -10.94 -10.92 5.21
N PRO B 24 -11.76 -10.64 4.20
CA PRO B 24 -13.01 -11.40 4.05
C PRO B 24 -12.78 -12.84 3.62
N TYR B 25 -11.58 -13.21 3.20
CA TYR B 25 -11.33 -14.59 2.77
C TYR B 25 -10.63 -15.42 3.83
N SER B 26 -9.60 -14.90 4.49
CA SER B 26 -8.96 -15.68 5.54
C SER B 26 -9.59 -15.50 6.91
N HIS B 27 -10.21 -14.34 7.15
CA HIS B 27 -10.60 -13.93 8.52
C HIS B 27 -9.40 -14.05 9.46
N PHE B 28 -8.21 -13.76 8.92
CA PHE B 28 -6.96 -13.78 9.69
C PHE B 28 -6.36 -12.39 9.68
N PRO B 29 -6.76 -11.49 10.60
CA PRO B 29 -6.26 -10.09 10.58
C PRO B 29 -4.83 -9.97 11.11
N VAL B 30 -4.08 -9.05 10.49
CA VAL B 30 -2.75 -8.67 10.96
C VAL B 30 -2.68 -7.16 11.00
N GLY B 31 -2.03 -6.62 12.03
CA GLY B 31 -1.92 -5.18 12.19
C GLY B 31 -0.48 -4.77 12.37
N ALA B 32 -0.18 -3.54 12.01
CA ALA B 32 1.19 -3.06 12.07
C ALA B 32 1.25 -1.62 12.55
N CYS B 33 2.34 -1.27 13.20
CA CYS B 33 2.65 0.11 13.56
C CYS B 33 4.09 0.38 13.16
N LEU B 34 4.27 1.29 12.20
CA LEU B 34 5.60 1.68 11.72
C LEU B 34 5.90 3.07 12.25
N VAL B 35 7.06 3.21 12.92
CA VAL B 35 7.43 4.44 13.61
C VAL B 35 8.57 5.12 12.87
N THR B 36 8.46 6.43 12.66
CA THR B 36 9.53 7.20 12.04
C THR B 36 10.43 7.82 13.12
N GLU B 37 11.55 8.39 12.66
CA GLU B 37 12.49 9.04 13.58
C GLU B 37 11.84 10.19 14.33
N SER B 38 10.96 10.92 13.64
CA SER B 38 10.25 12.04 14.24
C SER B 38 9.19 11.62 15.25
N GLY B 39 8.91 10.32 15.38
CA GLY B 39 7.86 9.83 16.24
C GLY B 39 6.53 9.63 15.57
N LYS B 40 6.39 10.00 14.29
CA LYS B 40 5.13 9.85 13.58
C LYS B 40 4.86 8.36 13.35
N ILE B 41 3.60 7.96 13.55
CA ILE B 41 3.17 6.56 13.53
C ILE B 41 2.36 6.30 12.26
N TYR B 42 2.64 5.18 11.59
CA TYR B 42 1.84 4.74 10.45
C TYR B 42 1.25 3.36 10.75
N GLN B 43 -0.07 3.25 10.67
CA GLN B 43 -0.78 2.01 10.93
C GLN B 43 -0.95 1.23 9.63
N GLY B 44 -0.79 -0.09 9.71
CA GLY B 44 -1.04 -0.96 8.57
C GLY B 44 -2.00 -2.07 8.89
N ILE B 45 -2.70 -2.55 7.85
CA ILE B 45 -3.61 -3.69 7.92
C ILE B 45 -3.31 -4.58 6.73
N ASN B 46 -3.57 -5.89 6.86
CA ASN B 46 -3.57 -6.70 5.65
C ASN B 46 -4.88 -6.49 4.89
N ILE B 47 -4.80 -6.62 3.57
CA ILE B 47 -5.87 -6.23 2.64
C ILE B 47 -5.91 -7.31 1.57
N GLU B 48 -6.90 -8.18 1.63
CA GLU B 48 -6.94 -9.32 0.72
C GLU B 48 -7.63 -8.95 -0.59
N ASN B 49 -7.52 -9.88 -1.54
CA ASN B 49 -8.12 -9.76 -2.86
C ASN B 49 -8.71 -11.12 -3.22
N ALA B 50 -9.84 -11.11 -3.96
CA ALA B 50 -10.43 -12.37 -4.43
C ALA B 50 -9.42 -13.25 -5.14
N SER B 51 -8.48 -12.64 -5.86
CA SER B 51 -7.28 -13.33 -6.35
C SER B 51 -6.23 -13.21 -5.25
N PHE B 52 -6.01 -14.31 -4.51
CA PHE B 52 -5.25 -14.26 -3.27
C PHE B 52 -3.87 -13.63 -3.47
N GLY B 53 -3.26 -13.86 -4.64
CA GLY B 53 -1.91 -13.39 -4.86
C GLY B 53 -1.79 -11.87 -4.91
N LEU B 54 -2.90 -11.15 -4.93
CA LEU B 54 -2.84 -9.71 -4.92
C LEU B 54 -3.02 -9.16 -3.50
N THR B 55 -3.15 -10.05 -2.52
CA THR B 55 -3.24 -9.64 -1.12
C THR B 55 -2.01 -8.85 -0.70
N ASN B 56 -2.22 -7.80 0.11
CA ASN B 56 -1.13 -7.03 0.68
C ASN B 56 -1.12 -7.16 2.20
N CYS B 57 0.07 -7.34 2.76
CA CYS B 57 0.26 -7.52 4.20
C CYS B 57 0.21 -6.20 4.97
N ALA B 58 -0.08 -6.32 6.27
CA ALA B 58 -0.13 -5.13 7.13
C ALA B 58 1.20 -4.38 7.16
N GLU B 59 2.31 -5.11 7.27
CA GLU B 59 3.61 -4.45 7.32
C GLU B 59 3.85 -3.64 6.05
N ARG B 60 3.55 -4.22 4.90
CA ARG B 60 3.79 -3.51 3.65
C ARG B 60 2.83 -2.35 3.49
N THR B 61 1.58 -2.51 3.96
CA THR B 61 0.64 -1.39 3.94
C THR B 61 1.20 -0.21 4.72
N ALA B 62 1.77 -0.47 5.90
CA ALA B 62 2.33 0.63 6.70
C ALA B 62 3.52 1.28 5.99
N PHE B 63 4.41 0.48 5.39
CA PHE B 63 5.52 1.05 4.66
C PHE B 63 5.05 1.86 3.46
N PHE B 64 4.06 1.35 2.71
CA PHE B 64 3.59 2.07 1.53
C PHE B 64 2.93 3.37 1.92
N LYS B 65 2.16 3.38 3.01
CA LYS B 65 1.64 4.64 3.53
C LYS B 65 2.77 5.61 3.85
N ALA B 66 3.71 5.19 4.71
CA ALA B 66 4.78 6.10 5.14
C ALA B 66 5.61 6.58 3.97
N VAL B 67 6.00 5.65 3.08
CA VAL B 67 6.86 6.04 1.98
C VAL B 67 6.14 6.99 1.04
N SER B 68 4.82 6.84 0.88
CA SER B 68 4.07 7.76 0.03
C SER B 68 4.02 9.16 0.63
N GLU B 69 4.20 9.31 1.94
CA GLU B 69 4.24 10.64 2.53
C GLU B 69 5.65 11.20 2.63
N GLY B 70 6.62 10.55 1.98
CA GLY B 70 7.99 11.00 1.97
C GLY B 70 8.86 10.52 3.11
N GLU B 71 8.36 9.63 3.97
CA GLU B 71 9.14 9.16 5.11
C GLU B 71 10.24 8.21 4.66
N ARG B 72 11.46 8.43 5.15
CA ARG B 72 12.57 7.54 4.82
C ARG B 72 13.38 7.10 6.03
N SER B 73 13.04 7.52 7.24
CA SER B 73 13.81 7.19 8.43
C SER B 73 12.93 6.48 9.46
N PHE B 74 13.08 5.17 9.55
CA PHE B 74 12.24 4.35 10.40
C PHE B 74 13.02 3.82 11.60
N THR B 75 12.36 3.81 12.76
CA THR B 75 13.02 3.44 14.01
C THR B 75 12.41 2.24 14.71
N HIS B 76 11.21 1.82 14.33
CA HIS B 76 10.61 0.67 14.97
C HIS B 76 9.48 0.15 14.10
N LEU B 77 9.24 -1.16 14.18
CA LEU B 77 8.04 -1.77 13.60
C LEU B 77 7.45 -2.75 14.60
N VAL B 78 6.17 -2.58 14.91
CA VAL B 78 5.38 -3.53 15.68
C VAL B 78 4.45 -4.27 14.72
N VAL B 79 4.38 -5.60 14.85
CA VAL B 79 3.42 -6.37 14.07
C VAL B 79 2.62 -7.21 15.06
N ALA B 80 1.30 -7.25 14.87
CA ALA B 80 0.42 -7.96 15.80
C ALA B 80 -0.52 -8.91 15.06
N GLY B 81 -0.82 -10.05 15.72
CA GLY B 81 -1.82 -10.97 15.23
C GLY B 81 -2.61 -11.58 16.38
N HIS B 82 -3.74 -12.19 16.02
CA HIS B 82 -4.56 -12.99 16.93
C HIS B 82 -4.04 -14.43 16.94
N THR B 83 -2.83 -14.58 17.47
CA THR B 83 -2.05 -15.81 17.42
C THR B 83 -1.52 -16.16 18.81
N PRO B 84 -1.39 -17.46 19.11
CA PRO B 84 -0.92 -17.85 20.46
C PRO B 84 0.54 -17.52 20.72
N ASP B 85 1.38 -17.54 19.71
CA ASP B 85 2.71 -16.98 19.77
C ASP B 85 2.77 -15.69 18.99
N PRO B 86 3.80 -14.87 19.20
CA PRO B 86 3.93 -13.63 18.43
C PRO B 86 3.84 -13.88 16.93
N ILE B 87 3.16 -12.96 16.23
CA ILE B 87 2.95 -13.11 14.79
C ILE B 87 4.28 -13.06 14.07
N SER B 88 4.43 -13.91 13.05
CA SER B 88 5.62 -13.92 12.19
C SER B 88 5.40 -13.12 10.93
N PRO B 89 6.26 -12.15 10.60
CA PRO B 89 6.14 -11.48 9.29
C PRO B 89 6.53 -12.46 8.20
N CYS B 90 5.80 -12.41 7.09
CA CYS B 90 6.15 -13.25 5.95
C CYS B 90 7.40 -12.73 5.25
N GLY B 91 7.99 -13.57 4.39
CA GLY B 91 9.25 -13.23 3.76
C GLY B 91 9.15 -12.05 2.82
N ALA B 92 7.99 -11.87 2.17
CA ALA B 92 7.82 -10.70 1.31
C ALA B 92 7.91 -9.43 2.12
N CYS B 93 7.28 -9.41 3.30
CA CYS B 93 7.36 -8.20 4.12
C CYS B 93 8.78 -7.97 4.61
N ARG B 94 9.48 -9.04 5.00
CA ARG B 94 10.84 -8.91 5.45
C ARG B 94 11.72 -8.25 4.38
N GLN B 95 11.47 -8.54 3.11
CA GLN B 95 12.23 -7.93 2.03
C GLN B 95 11.89 -6.47 1.84
N VAL B 96 10.62 -6.08 2.05
CA VAL B 96 10.31 -4.65 2.00
C VAL B 96 10.94 -3.93 3.19
N MET B 97 10.93 -4.54 4.37
CA MET B 97 11.59 -3.91 5.50
C MET B 97 13.07 -3.68 5.21
N ALA B 98 13.72 -4.64 4.53
CA ALA B 98 15.14 -4.49 4.23
C ALA B 98 15.40 -3.36 3.24
N GLU B 99 14.41 -3.07 2.37
CA GLU B 99 14.54 -1.99 1.41
C GLU B 99 14.66 -0.66 2.13
N PHE B 100 13.94 -0.49 3.24
CA PHE B 100 13.74 0.81 3.84
C PHE B 100 14.34 0.98 5.22
N CYS B 101 14.80 -0.09 5.86
CA CYS B 101 15.24 -0.02 7.25
C CYS B 101 16.69 -0.44 7.41
N ALA B 102 17.29 0.06 8.47
CA ALA B 102 18.61 -0.38 8.84
C ALA B 102 18.56 -1.84 9.31
N PRO B 103 19.61 -2.62 9.02
CA PRO B 103 19.65 -4.00 9.50
C PRO B 103 19.34 -4.14 10.99
N ASP B 104 19.77 -3.20 11.82
CA ASP B 104 19.56 -3.37 13.25
C ASP B 104 18.30 -2.66 13.75
N MET B 105 17.42 -2.22 12.86
CA MET B 105 16.23 -1.53 13.34
C MET B 105 15.34 -2.50 14.11
N PRO B 106 14.89 -2.15 15.31
CA PRO B 106 14.12 -3.09 16.12
C PRO B 106 12.74 -3.38 15.56
N VAL B 107 12.30 -4.62 15.76
CA VAL B 107 10.98 -5.11 15.40
C VAL B 107 10.40 -5.81 16.61
N THR B 108 9.14 -5.49 16.94
CA THR B 108 8.42 -6.15 18.02
C THR B 108 7.23 -6.92 17.44
N LEU B 109 7.16 -8.20 17.76
CA LEU B 109 6.10 -9.10 17.28
C LEU B 109 5.17 -9.42 18.43
N VAL B 110 3.87 -9.31 18.20
CA VAL B 110 2.87 -9.43 19.27
C VAL B 110 1.85 -10.50 18.89
N GLY B 111 1.40 -11.26 19.89
CA GLY B 111 0.31 -12.19 19.70
C GLY B 111 -0.81 -11.93 20.69
N ASP B 112 -1.66 -12.93 20.93
CA ASP B 112 -2.75 -12.73 21.86
C ASP B 112 -2.25 -12.84 23.30
N ASN B 113 -3.01 -12.26 24.22
CA ASN B 113 -2.71 -12.35 25.65
C ASN B 113 -1.33 -11.78 25.98
N GLY B 114 -0.86 -10.80 25.21
CA GLY B 114 0.32 -10.04 25.55
C GLY B 114 1.66 -10.67 25.21
N VAL B 115 1.69 -11.81 24.51
CA VAL B 115 2.96 -12.42 24.17
C VAL B 115 3.69 -11.56 23.15
N THR B 116 5.01 -11.41 23.32
CA THR B 116 5.78 -10.56 22.43
C THR B 116 7.11 -11.21 22.13
N LYS B 117 7.73 -10.78 21.04
CA LYS B 117 9.05 -11.24 20.66
C LYS B 117 9.82 -10.06 20.09
N ALA B 118 11.04 -9.83 20.60
CA ALA B 118 11.86 -8.70 20.17
C ALA B 118 12.90 -9.20 19.18
N THR B 119 13.00 -8.55 18.03
CA THR B 119 13.95 -8.98 17.02
C THR B 119 14.37 -7.76 16.20
N THR B 120 15.00 -7.97 15.06
CA THR B 120 15.47 -6.89 14.21
C THR B 120 15.31 -7.28 12.75
N VAL B 121 15.49 -6.29 11.87
CA VAL B 121 15.38 -6.54 10.43
C VAL B 121 16.41 -7.58 9.99
N ARG B 122 17.64 -7.47 10.50
CA ARG B 122 18.70 -8.37 10.08
C ARG B 122 18.45 -9.79 10.57
N GLU B 123 17.91 -9.93 11.79
CA GLU B 123 17.64 -11.27 12.31
C GLU B 123 16.48 -11.94 11.60
N LEU B 124 15.53 -11.16 11.08
CA LEU B 124 14.43 -11.75 10.33
C LEU B 124 14.81 -12.07 8.88
N LEU B 125 15.79 -11.36 8.32
CA LEU B 125 16.20 -11.59 6.92
C LEU B 125 17.72 -11.56 6.83
N PRO B 126 18.39 -12.62 7.27
CA PRO B 126 19.85 -12.65 7.21
C PRO B 126 20.34 -12.77 5.78
N TYR B 127 21.56 -12.27 5.55
CA TYR B 127 22.15 -12.27 4.20
C TYR B 127 21.18 -11.67 3.18
N ALA B 128 20.63 -10.49 3.52
CA ALA B 128 19.55 -9.92 2.73
C ALA B 128 19.99 -9.51 1.33
N PHE B 129 19.12 -9.77 0.36
CA PHE B 129 19.36 -9.32 -1.01
C PHE B 129 19.19 -7.81 -1.09
N THR B 130 20.11 -7.14 -1.78
CA THR B 130 20.08 -5.69 -1.96
C THR B 130 20.32 -5.35 -3.44
N GLU B 131 20.30 -4.05 -3.74
CA GLU B 131 20.42 -3.57 -5.11
C GLU B 131 21.86 -3.50 -5.61
N LYS B 132 22.82 -3.94 -4.80
CA LYS B 132 24.25 -3.71 -5.00
C LYS B 132 24.74 -4.03 -6.40
N ASP B 133 24.25 -5.13 -6.98
CA ASP B 133 24.81 -5.67 -8.22
C ASP B 133 23.93 -5.44 -9.43
N LEU B 134 22.83 -4.71 -9.30
CA LEU B 134 21.97 -4.43 -10.45
C LEU B 134 22.65 -3.59 -11.51
ZN ZN C . -0.21 -1.63 -11.51
ZN ZN D . 3.73 -10.23 4.78
#